data_6EEV
#
_entry.id   6EEV
#
_cell.length_a   100.370
_cell.length_b   100.370
_cell.length_c   75.790
_cell.angle_alpha   90.00
_cell.angle_beta   90.00
_cell.angle_gamma   120.00
#
_symmetry.space_group_name_H-M   'P 3 2 1'
#
loop_
_entity.id
_entity.type
_entity.pdbx_description
1 polymer '3-hydroxy-3-methylglutaryl coenzyme A reductase'
2 branched beta-D-fructofuranose-(2-1)-alpha-D-glucopyranose
3 non-polymer (R)-MEVALONATE
4 non-polymer 'SULFATE ION'
5 non-polymer GLYCEROL
6 water water
#
_entity_poly.entity_id   1
_entity_poly.type   'polypeptide(L)'
_entity_poly.pdbx_seq_one_letter_code
;MVADSRLPNFRALTPAQRRDFLADACGLSDAERALLAAPGALPLALADGMIENVFGSFELPLGVAGNFRVNGRDVLVPMA
VEEPSVVAAASYMAKLAREDGGFQTSSTLPLMRAQVQVLGVTDPHGARLAVLQARAQIIERANSRDKVLIGLGGGCKDIE
VHVFPDTPRGPMLVVHLIVDVRDAMGANTVNTMAESVAPLVEKITGGSVRLRILSNLADLRLARARVRLTPQTLATQDRS
GEEIIEGVLDAYTFAAIDPYRAATHNKGIMNGIDPVIVATGNDWRAVEAGAHAYASRSGSYTSLTRWEKDAGGALVGSIE
LPMPVGLVGGATKTHPLARLALKIMDLQSAQQLGEIAAAVGLAQNLGALRALATEGIQRGHMALHARNIALVAGATGDEV
DAVARQLAAEHDVRTDRALEVLAALRARA
;
_entity_poly.pdbx_strand_id   A
#
loop_
_chem_comp.id
_chem_comp.type
_chem_comp.name
_chem_comp.formula
FRU D-saccharide, beta linking beta-D-fructofuranose 'C6 H12 O6'
GLC D-saccharide, alpha linking alpha-D-glucopyranose 'C6 H12 O6'
GOL non-polymer GLYCEROL 'C3 H8 O3'
MEV non-polymer (R)-MEVALONATE 'C6 H11 O4 -1'
SO4 non-polymer 'SULFATE ION' 'O4 S -2'
#
# COMPACT_ATOMS: atom_id res chain seq x y z
N ALA A 3 -8.41 -21.95 5.00
CA ALA A 3 -8.30 -20.69 5.71
C ALA A 3 -9.66 -20.19 6.17
N ASP A 4 -9.73 -19.77 7.43
CA ASP A 4 -10.96 -19.27 8.05
C ASP A 4 -10.59 -18.05 8.87
N SER A 5 -11.13 -16.89 8.53
CA SER A 5 -10.75 -15.66 9.20
C SER A 5 -11.75 -15.21 10.26
N ARG A 6 -12.74 -16.04 10.58
CA ARG A 6 -13.67 -15.69 11.64
C ARG A 6 -13.02 -15.86 13.01
N LEU A 7 -13.31 -14.92 13.92
CA LEU A 7 -12.70 -14.86 15.25
C LEU A 7 -13.80 -14.94 16.30
N PRO A 8 -14.33 -16.13 16.57
CA PRO A 8 -15.48 -16.24 17.46
C PRO A 8 -15.12 -15.82 18.89
N ASN A 9 -15.92 -14.91 19.44
CA ASN A 9 -15.83 -14.52 20.84
C ASN A 9 -14.50 -13.87 21.19
N PHE A 10 -13.83 -13.26 20.21
CA PHE A 10 -12.51 -12.70 20.48
C PHE A 10 -12.56 -11.55 21.49
N ARG A 11 -13.67 -10.83 21.57
CA ARG A 11 -13.77 -9.73 22.52
C ARG A 11 -13.60 -10.22 23.96
N ALA A 12 -14.03 -11.45 24.24
CA ALA A 12 -14.01 -12.00 25.60
C ALA A 12 -12.73 -12.77 25.93
N LEU A 13 -11.91 -13.09 24.94
CA LEU A 13 -10.70 -13.85 25.19
C LEU A 13 -9.58 -12.92 25.66
N THR A 14 -8.65 -13.49 26.43
CA THR A 14 -7.45 -12.77 26.82
C THR A 14 -6.49 -12.73 25.64
N PRO A 15 -5.50 -11.84 25.68
CA PRO A 15 -4.45 -11.88 24.63
C PRO A 15 -3.79 -13.24 24.47
N ALA A 16 -3.52 -13.94 25.57
CA ALA A 16 -2.94 -15.28 25.45
C ALA A 16 -3.88 -16.23 24.72
N GLN A 17 -5.18 -16.18 25.04
CA GLN A 17 -6.13 -17.05 24.36
C GLN A 17 -6.26 -16.69 22.88
N ARG A 18 -6.22 -15.39 22.56
CA ARG A 18 -6.26 -14.99 21.15
C ARG A 18 -5.02 -15.48 20.42
N ARG A 19 -3.84 -15.33 21.04
CA ARG A 19 -2.61 -15.82 20.45
C ARG A 19 -2.69 -17.31 20.15
N ASP A 20 -3.20 -18.09 21.10
CA ASP A 20 -3.29 -19.53 20.91
C ASP A 20 -4.27 -19.89 19.80
N PHE A 21 -5.39 -19.16 19.70
CA PHE A 21 -6.35 -19.39 18.63
C PHE A 21 -5.71 -19.11 17.27
N LEU A 22 -5.02 -17.97 17.14
CA LEU A 22 -4.36 -17.62 15.89
C LEU A 22 -3.31 -18.65 15.52
N ALA A 23 -2.50 -19.08 16.50
CA ALA A 23 -1.49 -20.09 16.22
C ALA A 23 -2.12 -21.37 15.69
N ASP A 24 -3.26 -21.78 16.26
CA ASP A 24 -3.94 -22.97 15.78
C ASP A 24 -4.53 -22.75 14.39
N ALA A 25 -5.14 -21.59 14.15
CA ALA A 25 -5.80 -21.34 12.87
C ALA A 25 -4.81 -21.20 11.73
N CYS A 26 -3.63 -20.64 12.00
CA CYS A 26 -2.64 -20.40 10.97
C CYS A 26 -1.56 -21.46 10.90
N GLY A 27 -1.64 -22.50 11.73
CA GLY A 27 -0.62 -23.53 11.73
C GLY A 27 0.74 -23.00 12.15
N LEU A 28 0.78 -22.09 13.12
CA LEU A 28 2.05 -21.54 13.56
C LEU A 28 2.84 -22.61 14.30
N SER A 29 4.16 -22.56 14.13
CA SER A 29 5.03 -23.50 14.80
C SER A 29 5.13 -23.16 16.29
N ASP A 30 5.67 -24.10 17.07
CA ASP A 30 5.88 -23.84 18.49
C ASP A 30 6.80 -22.64 18.70
N ALA A 31 7.86 -22.53 17.89
CA ALA A 31 8.77 -21.40 18.00
C ALA A 31 8.05 -20.09 17.71
N GLU A 32 7.16 -20.09 16.71
CA GLU A 32 6.45 -18.86 16.37
C GLU A 32 5.47 -18.48 17.46
N ARG A 33 4.82 -19.47 18.06
CA ARG A 33 3.93 -19.20 19.19
C ARG A 33 4.70 -18.61 20.36
N ALA A 34 5.88 -19.16 20.65
CA ALA A 34 6.69 -18.65 21.74
C ALA A 34 7.20 -17.24 21.44
N LEU A 35 7.47 -16.95 20.17
CA LEU A 35 7.90 -15.62 19.78
C LEU A 35 6.85 -14.58 20.15
N LEU A 36 5.56 -14.93 20.07
CA LEU A 36 4.50 -13.99 20.39
C LEU A 36 4.20 -13.93 21.88
N ALA A 37 4.50 -15.02 22.60
CA ALA A 37 4.11 -15.15 24.00
C ALA A 37 5.02 -14.43 24.97
N ALA A 38 6.19 -13.98 24.53
CA ALA A 38 7.08 -13.19 25.36
C ALA A 38 7.44 -11.92 24.62
N PRO A 39 7.68 -10.82 25.34
CA PRO A 39 8.13 -9.60 24.66
C PRO A 39 9.54 -9.78 24.13
N GLY A 40 9.93 -8.84 23.28
CA GLY A 40 11.29 -8.81 22.78
C GLY A 40 11.55 -9.73 21.61
N ALA A 41 10.57 -9.86 20.70
CA ALA A 41 10.78 -10.64 19.49
C ALA A 41 11.85 -10.02 18.60
N LEU A 42 12.15 -8.73 18.79
CA LEU A 42 13.24 -8.05 18.09
C LEU A 42 14.31 -7.68 19.10
N PRO A 43 15.24 -8.58 19.40
CA PRO A 43 16.31 -8.25 20.35
C PRO A 43 17.08 -7.02 19.89
N LEU A 44 17.67 -6.32 20.85
CA LEU A 44 18.34 -5.06 20.53
C LEU A 44 19.51 -5.26 19.57
N ALA A 45 20.16 -6.43 19.61
CA ALA A 45 21.24 -6.69 18.66
C ALA A 45 20.74 -6.66 17.23
N LEU A 46 19.50 -7.12 17.00
CA LEU A 46 18.92 -7.04 15.66
C LEU A 46 18.48 -5.62 15.34
N ALA A 47 17.80 -4.97 16.29
CA ALA A 47 17.37 -3.59 16.07
C ALA A 47 18.56 -2.69 15.80
N ASP A 48 19.69 -2.96 16.46
CA ASP A 48 20.88 -2.12 16.32
C ASP A 48 21.41 -2.11 14.89
N GLY A 49 21.14 -3.16 14.12
CA GLY A 49 21.55 -3.21 12.73
C GLY A 49 20.55 -2.62 11.76
N MET A 50 19.38 -2.19 12.23
CA MET A 50 18.32 -1.69 11.36
C MET A 50 18.35 -0.17 11.24
N ILE A 51 18.55 0.54 12.34
CA ILE A 51 18.63 2.00 12.33
C ILE A 51 19.82 2.42 13.17
N GLU A 52 20.11 3.72 13.17
CA GLU A 52 21.27 4.22 13.89
C GLU A 52 20.90 4.72 15.29
N ASN A 53 21.91 4.73 16.17
CA ASN A 53 21.78 5.25 17.53
C ASN A 53 20.69 4.53 18.33
N VAL A 54 20.56 3.22 18.12
CA VAL A 54 19.57 2.43 18.84
C VAL A 54 19.92 2.39 20.32
N PHE A 55 18.94 2.71 21.17
CA PHE A 55 19.08 2.55 22.61
C PHE A 55 17.95 1.72 23.22
N GLY A 56 17.01 1.26 22.41
CA GLY A 56 15.91 0.47 22.93
C GLY A 56 14.99 0.06 21.79
N SER A 57 13.80 -0.40 22.16
CA SER A 57 12.74 -0.70 21.21
C SER A 57 11.45 -0.08 21.71
N PHE A 58 10.51 0.15 20.78
CA PHE A 58 9.25 0.80 21.10
C PHE A 58 8.10 -0.08 20.60
N GLU A 59 7.22 -0.50 21.52
CA GLU A 59 6.17 -1.43 21.17
C GLU A 59 4.90 -0.72 20.75
N LEU A 60 4.31 -1.18 19.66
CA LEU A 60 2.92 -0.90 19.35
C LEU A 60 2.08 -2.11 19.72
N PRO A 61 0.86 -1.91 20.21
CA PRO A 61 -0.07 -3.04 20.35
C PRO A 61 -0.22 -3.74 19.02
N LEU A 62 -0.35 -5.07 19.05
CA LEU A 62 -0.52 -5.88 17.85
C LEU A 62 -1.85 -6.62 17.96
N GLY A 63 -2.82 -6.22 17.13
CA GLY A 63 -4.12 -6.84 17.10
C GLY A 63 -4.33 -7.57 15.78
N VAL A 64 -5.44 -8.29 15.70
CA VAL A 64 -5.81 -8.98 14.47
C VAL A 64 -7.24 -8.60 14.09
N ALA A 65 -7.41 -8.19 12.85
CA ALA A 65 -8.73 -7.92 12.30
C ALA A 65 -9.25 -9.21 11.72
N GLY A 66 -10.49 -9.55 12.03
CA GLY A 66 -11.10 -10.78 11.57
C GLY A 66 -12.04 -10.55 10.40
N ASN A 67 -12.50 -11.67 9.84
CA ASN A 67 -13.59 -11.77 8.88
C ASN A 67 -13.21 -11.44 7.45
N PHE A 68 -12.01 -10.93 7.17
CA PHE A 68 -11.68 -10.50 5.82
C PHE A 68 -11.65 -11.69 4.86
N ARG A 69 -12.22 -11.49 3.68
CA ARG A 69 -12.20 -12.45 2.60
C ARG A 69 -11.91 -11.64 1.34
N VAL A 70 -10.87 -12.02 0.62
CA VAL A 70 -10.37 -11.26 -0.52
C VAL A 70 -10.22 -12.20 -1.69
N ASN A 71 -10.92 -11.89 -2.79
CA ASN A 71 -10.95 -12.76 -3.97
C ASN A 71 -11.22 -14.21 -3.61
N GLY A 72 -12.19 -14.41 -2.72
CA GLY A 72 -12.61 -15.74 -2.34
C GLY A 72 -11.78 -16.45 -1.30
N ARG A 73 -10.75 -15.80 -0.74
CA ARG A 73 -9.86 -16.43 0.23
C ARG A 73 -9.93 -15.66 1.55
N ASP A 74 -10.25 -16.36 2.63
CA ASP A 74 -10.20 -15.74 3.95
C ASP A 74 -8.75 -15.39 4.28
N VAL A 75 -8.57 -14.25 4.97
CA VAL A 75 -7.24 -13.83 5.38
C VAL A 75 -7.34 -13.12 6.73
N LEU A 76 -6.51 -13.54 7.69
CA LEU A 76 -6.37 -12.87 8.97
C LEU A 76 -5.35 -11.74 8.84
N VAL A 77 -5.65 -10.59 9.43
CA VAL A 77 -4.93 -9.36 9.15
C VAL A 77 -4.32 -8.80 10.44
N PRO A 78 -3.00 -8.94 10.63
CA PRO A 78 -2.33 -8.29 11.76
C PRO A 78 -2.27 -6.79 11.58
N MET A 79 -2.43 -6.05 12.68
CA MET A 79 -2.45 -4.59 12.65
C MET A 79 -1.68 -4.08 13.86
N ALA A 80 -0.61 -3.31 13.60
CA ALA A 80 0.17 -2.68 14.67
C ALA A 80 -0.23 -1.21 14.72
N VAL A 81 -0.93 -0.81 15.79
CA VAL A 81 -1.49 0.53 15.87
C VAL A 81 -1.81 0.83 17.34
N GLU A 82 -1.95 2.11 17.66
CA GLU A 82 -2.17 2.53 19.05
C GLU A 82 -3.59 2.99 19.34
N GLU A 83 -4.45 3.11 18.31
CA GLU A 83 -5.71 3.85 18.44
C GLU A 83 -6.88 2.91 18.67
N PRO A 84 -7.72 3.18 19.66
CA PRO A 84 -8.92 2.35 19.87
C PRO A 84 -9.91 2.49 18.73
N SER A 85 -10.78 1.47 18.62
CA SER A 85 -11.88 1.37 17.67
C SER A 85 -11.48 0.91 16.28
N VAL A 86 -10.20 1.06 15.91
CA VAL A 86 -9.75 0.80 14.55
C VAL A 86 -9.89 -0.68 14.20
N VAL A 87 -9.33 -1.55 15.04
CA VAL A 87 -9.33 -2.99 14.72
C VAL A 87 -10.76 -3.53 14.73
N ALA A 88 -11.57 -3.11 15.70
CA ALA A 88 -12.95 -3.59 15.78
C ALA A 88 -13.76 -3.14 14.57
N ALA A 89 -13.54 -1.91 14.11
CA ALA A 89 -14.31 -1.42 12.97
C ALA A 89 -13.94 -2.14 11.68
N ALA A 90 -12.64 -2.39 11.48
CA ALA A 90 -12.23 -3.16 10.32
C ALA A 90 -12.84 -4.56 10.34
N SER A 91 -12.81 -5.21 11.51
CA SER A 91 -13.37 -6.56 11.63
C SER A 91 -14.86 -6.58 11.36
N TYR A 92 -15.59 -5.59 11.87
CA TYR A 92 -17.04 -5.55 11.71
C TYR A 92 -17.42 -5.30 10.25
N MET A 93 -16.75 -4.35 9.59
CA MET A 93 -17.07 -4.10 8.19
C MET A 93 -16.71 -5.30 7.32
N ALA A 94 -15.59 -5.97 7.62
CA ALA A 94 -15.26 -7.19 6.90
C ALA A 94 -16.35 -8.23 7.07
N LYS A 95 -16.92 -8.33 8.28
CA LYS A 95 -18.00 -9.29 8.51
C LYS A 95 -19.21 -8.99 7.63
N LEU A 96 -19.57 -7.72 7.51
CA LEU A 96 -20.68 -7.36 6.63
C LEU A 96 -20.33 -7.65 5.17
N ALA A 97 -19.07 -7.41 4.78
CA ALA A 97 -18.67 -7.65 3.41
C ALA A 97 -18.79 -9.12 3.03
N ARG A 98 -18.70 -10.02 4.00
CA ARG A 98 -18.77 -11.45 3.70
C ARG A 98 -20.08 -11.84 3.06
N GLU A 99 -21.14 -11.05 3.27
CA GLU A 99 -22.46 -11.43 2.78
C GLU A 99 -22.54 -11.40 1.25
N ASP A 100 -21.71 -10.56 0.61
CA ASP A 100 -21.61 -10.49 -0.84
C ASP A 100 -20.42 -11.28 -1.36
N GLY A 101 -19.83 -12.14 -0.54
CA GLY A 101 -18.68 -12.92 -0.94
C GLY A 101 -17.35 -12.30 -0.60
N GLY A 102 -17.34 -11.20 0.15
CA GLY A 102 -16.10 -10.55 0.52
C GLY A 102 -15.70 -9.45 -0.44
N PHE A 103 -14.44 -9.08 -0.36
CA PHE A 103 -13.88 -8.04 -1.21
C PHE A 103 -13.34 -8.62 -2.51
N GLN A 104 -13.40 -7.82 -3.57
CA GLN A 104 -12.86 -8.18 -4.86
C GLN A 104 -11.76 -7.18 -5.20
N THR A 105 -10.58 -7.70 -5.55
CA THR A 105 -9.39 -6.87 -5.68
C THR A 105 -8.65 -7.19 -6.96
N SER A 106 -7.84 -6.24 -7.39
CA SER A 106 -6.93 -6.43 -8.50
C SER A 106 -5.76 -5.48 -8.32
N SER A 107 -4.73 -5.66 -9.15
CA SER A 107 -3.60 -4.76 -9.12
C SER A 107 -2.96 -4.71 -10.50
N THR A 108 -2.22 -3.63 -10.72
CA THR A 108 -1.33 -3.52 -11.86
C THR A 108 -0.10 -4.38 -11.63
N LEU A 109 0.78 -4.43 -12.62
CA LEU A 109 2.10 -5.00 -12.40
C LEU A 109 2.82 -4.16 -11.36
N PRO A 110 3.82 -4.73 -10.68
CA PRO A 110 4.54 -4.00 -9.62
C PRO A 110 5.60 -3.06 -10.19
N LEU A 111 5.13 -1.98 -10.81
CA LEU A 111 5.97 -1.07 -11.59
C LEU A 111 6.31 0.15 -10.76
N MET A 112 7.60 0.38 -10.55
CA MET A 112 8.10 1.55 -9.84
C MET A 112 8.82 2.48 -10.79
N ARG A 113 8.78 3.79 -10.50
CA ARG A 113 9.43 4.80 -11.31
C ARG A 113 10.74 5.20 -10.64
N ALA A 114 11.80 5.30 -11.43
CA ALA A 114 13.05 5.91 -10.99
C ALA A 114 13.27 7.17 -11.82
N GLN A 115 13.48 8.30 -11.14
CA GLN A 115 13.68 9.56 -11.85
C GLN A 115 15.17 9.82 -12.04
N VAL A 116 15.54 10.24 -13.25
CA VAL A 116 16.89 10.66 -13.57
C VAL A 116 16.77 12.11 -14.03
N GLN A 117 17.21 13.04 -13.18
CA GLN A 117 17.06 14.47 -13.43
C GLN A 117 18.30 14.98 -14.17
N VAL A 118 18.10 15.59 -15.33
CA VAL A 118 19.19 16.05 -16.18
C VAL A 118 19.12 17.57 -16.30
N LEU A 119 20.23 18.23 -15.97
CA LEU A 119 20.35 19.67 -16.06
C LEU A 119 21.33 20.03 -17.18
N GLY A 120 21.31 21.30 -17.57
CA GLY A 120 22.24 21.82 -18.54
C GLY A 120 21.90 21.58 -19.98
N VAL A 121 20.75 20.98 -20.26
CA VAL A 121 20.31 20.70 -21.62
C VAL A 121 19.46 21.88 -22.08
N THR A 122 19.94 22.63 -23.08
CA THR A 122 19.18 23.79 -23.54
C THR A 122 18.17 23.45 -24.63
N ASP A 123 18.24 22.24 -25.19
CA ASP A 123 17.25 21.72 -26.13
C ASP A 123 16.55 20.51 -25.52
N PRO A 124 15.90 20.66 -24.36
CA PRO A 124 15.32 19.47 -23.70
C PRO A 124 14.25 18.76 -24.50
N HIS A 125 13.43 19.46 -25.30
CA HIS A 125 12.43 18.76 -26.11
C HIS A 125 13.10 17.87 -27.16
N GLY A 126 14.13 18.40 -27.82
CA GLY A 126 14.84 17.58 -28.79
C GLY A 126 15.62 16.45 -28.15
N ALA A 127 16.24 16.73 -27.00
CA ALA A 127 16.97 15.69 -26.27
C ALA A 127 16.03 14.60 -25.79
N ARG A 128 14.81 14.96 -25.42
CA ARG A 128 13.81 13.95 -25.08
C ARG A 128 13.59 12.97 -26.23
N LEU A 129 13.47 13.48 -27.46
CA LEU A 129 13.32 12.58 -28.60
C LEU A 129 14.54 11.69 -28.77
N ALA A 130 15.75 12.24 -28.57
CA ALA A 130 16.95 11.41 -28.69
C ALA A 130 16.96 10.30 -27.63
N VAL A 131 16.51 10.62 -26.42
CA VAL A 131 16.45 9.60 -25.37
C VAL A 131 15.44 8.53 -25.72
N LEU A 132 14.25 8.94 -26.18
CA LEU A 132 13.22 7.97 -26.54
C LEU A 132 13.66 7.09 -27.70
N GLN A 133 14.37 7.66 -28.67
CA GLN A 133 14.88 6.84 -29.76
C GLN A 133 15.85 5.78 -29.27
N ALA A 134 16.57 6.07 -28.18
CA ALA A 134 17.55 5.17 -27.59
C ALA A 134 16.97 4.32 -26.47
N ARG A 135 15.64 4.21 -26.39
CA ARG A 135 15.01 3.54 -25.25
C ARG A 135 15.53 2.12 -25.05
N ALA A 136 15.73 1.36 -26.13
CA ALA A 136 16.16 -0.03 -25.97
C ALA A 136 17.53 -0.12 -25.31
N GLN A 137 18.43 0.79 -25.70
CA GLN A 137 19.77 0.81 -25.14
C GLN A 137 19.76 1.20 -23.67
N ILE A 138 18.88 2.14 -23.30
CA ILE A 138 18.77 2.54 -21.90
C ILE A 138 18.19 1.41 -21.06
N ILE A 139 17.15 0.75 -21.57
CA ILE A 139 16.56 -0.38 -20.86
C ILE A 139 17.58 -1.49 -20.66
N GLU A 140 18.35 -1.81 -21.71
CA GLU A 140 19.37 -2.85 -21.59
C GLU A 140 20.41 -2.48 -20.55
N ARG A 141 20.83 -1.21 -20.53
CA ARG A 141 21.78 -0.76 -19.52
C ARG A 141 21.20 -0.88 -18.11
N ALA A 142 19.93 -0.49 -17.95
CA ALA A 142 19.29 -0.60 -16.64
C ALA A 142 19.25 -2.05 -16.15
N ASN A 143 19.09 -2.99 -17.06
CA ASN A 143 18.89 -4.39 -16.71
C ASN A 143 20.18 -5.19 -16.65
N SER A 144 21.33 -4.57 -16.92
CA SER A 144 22.56 -5.32 -17.14
C SER A 144 23.17 -5.87 -15.85
N ARG A 145 22.76 -5.38 -14.69
CA ARG A 145 23.39 -5.80 -13.44
C ARG A 145 22.57 -6.78 -12.63
N ASP A 146 21.25 -6.78 -12.75
CA ASP A 146 20.37 -7.55 -11.88
C ASP A 146 19.80 -8.75 -12.64
N LYS A 147 20.64 -9.76 -12.86
CA LYS A 147 20.20 -10.94 -13.59
C LYS A 147 19.17 -11.75 -12.82
N VAL A 148 19.20 -11.69 -11.49
CA VAL A 148 18.24 -12.44 -10.68
C VAL A 148 16.84 -11.87 -10.86
N LEU A 149 16.71 -10.54 -10.71
CA LEU A 149 15.43 -9.89 -10.92
C LEU A 149 14.92 -10.16 -12.34
N ILE A 150 15.80 -10.08 -13.33
CA ILE A 150 15.38 -10.32 -14.70
C ILE A 150 14.92 -11.76 -14.88
N GLY A 151 15.61 -12.70 -14.24
CA GLY A 151 15.23 -14.10 -14.35
C GLY A 151 13.86 -14.39 -13.77
N LEU A 152 13.43 -13.58 -12.80
CA LEU A 152 12.09 -13.68 -12.23
C LEU A 152 11.03 -13.04 -13.11
N GLY A 153 11.42 -12.39 -14.19
CA GLY A 153 10.48 -11.66 -15.01
C GLY A 153 10.35 -10.20 -14.69
N GLY A 154 11.17 -9.69 -13.75
CA GLY A 154 11.20 -8.27 -13.46
C GLY A 154 12.19 -7.54 -14.34
N GLY A 155 12.47 -6.30 -13.96
CA GLY A 155 13.43 -5.47 -14.65
C GLY A 155 12.78 -4.23 -15.23
N CYS A 156 13.63 -3.38 -15.79
CA CYS A 156 13.14 -2.18 -16.47
C CYS A 156 12.39 -2.60 -17.73
N LYS A 157 11.17 -2.08 -17.86
CA LYS A 157 10.27 -2.45 -18.96
C LYS A 157 10.02 -1.32 -19.94
N ASP A 158 10.23 -0.07 -19.54
CA ASP A 158 9.88 1.06 -20.38
C ASP A 158 10.56 2.28 -19.80
N ILE A 159 10.53 3.37 -20.56
CA ILE A 159 10.95 4.68 -20.06
C ILE A 159 9.93 5.72 -20.50
N GLU A 160 9.87 6.81 -19.73
CA GLU A 160 9.20 8.04 -20.11
C GLU A 160 10.20 9.17 -19.97
N VAL A 161 9.94 10.28 -20.64
CA VAL A 161 10.76 11.46 -20.48
C VAL A 161 9.84 12.67 -20.31
N HIS A 162 10.05 13.43 -19.25
CA HIS A 162 9.27 14.62 -18.98
C HIS A 162 10.18 15.84 -19.02
N VAL A 163 9.70 16.92 -19.63
CA VAL A 163 10.48 18.13 -19.85
C VAL A 163 9.85 19.28 -19.09
N PHE A 164 10.66 20.01 -18.34
CA PHE A 164 10.26 21.23 -17.64
C PHE A 164 11.12 22.32 -18.24
N PRO A 165 10.64 23.01 -19.29
CA PRO A 165 11.55 23.87 -20.06
C PRO A 165 11.90 25.19 -19.39
N ASP A 166 11.14 25.61 -18.39
CA ASP A 166 11.37 26.91 -17.77
C ASP A 166 11.19 26.75 -16.26
N THR A 167 12.29 26.72 -15.53
CA THR A 167 12.27 26.64 -14.08
C THR A 167 13.22 27.69 -13.54
N PRO A 168 13.06 28.08 -12.27
CA PRO A 168 14.03 29.02 -11.66
C PRO A 168 15.46 28.51 -11.70
N ARG A 169 15.69 27.23 -11.93
CA ARG A 169 17.02 26.65 -11.99
C ARG A 169 17.41 26.25 -13.41
N GLY A 170 16.66 26.70 -14.41
CA GLY A 170 16.93 26.34 -15.78
C GLY A 170 16.11 25.14 -16.22
N PRO A 171 16.24 24.76 -17.50
CA PRO A 171 15.47 23.63 -18.01
C PRO A 171 15.88 22.32 -17.35
N MET A 172 14.89 21.45 -17.14
CA MET A 172 15.12 20.12 -16.62
C MET A 172 14.52 19.08 -17.55
N LEU A 173 15.27 18.02 -17.80
CA LEU A 173 14.77 16.86 -18.51
C LEU A 173 14.81 15.71 -17.53
N VAL A 174 13.70 15.01 -17.36
CA VAL A 174 13.61 13.98 -16.33
C VAL A 174 13.23 12.65 -17.00
N VAL A 175 14.14 11.71 -16.98
CA VAL A 175 13.87 10.37 -17.50
C VAL A 175 13.27 9.55 -16.38
N HIS A 176 12.16 8.87 -16.65
CA HIS A 176 11.61 7.89 -15.71
C HIS A 176 11.93 6.50 -16.24
N LEU A 177 12.62 5.71 -15.43
CA LEU A 177 12.71 4.28 -15.68
C LEU A 177 11.49 3.63 -15.05
N ILE A 178 10.81 2.77 -15.81
CA ILE A 178 9.65 2.03 -15.33
CA ILE A 178 9.65 2.04 -15.32
C ILE A 178 10.11 0.60 -15.10
N VAL A 179 10.12 0.17 -13.83
CA VAL A 179 10.80 -1.05 -13.43
C VAL A 179 9.83 -1.98 -12.71
N ASP A 180 9.75 -3.23 -13.18
CA ASP A 180 9.01 -4.27 -12.48
C ASP A 180 9.92 -4.83 -11.40
N VAL A 181 9.51 -4.65 -10.14
CA VAL A 181 10.34 -5.00 -8.99
C VAL A 181 9.87 -6.27 -8.31
N ARG A 182 8.91 -6.98 -8.89
CA ARG A 182 8.47 -8.29 -8.40
C ARG A 182 7.96 -8.15 -6.97
N ASP A 183 8.51 -8.86 -5.99
CA ASP A 183 8.00 -8.84 -4.62
C ASP A 183 8.75 -7.89 -3.71
N ALA A 184 9.59 -7.02 -4.26
CA ALA A 184 10.32 -6.03 -3.46
C ALA A 184 9.53 -4.71 -3.40
N MET A 185 9.79 -3.92 -2.35
CA MET A 185 9.26 -2.55 -2.39
C MET A 185 9.85 -1.79 -3.56
N GLY A 186 11.15 -1.91 -3.77
CA GLY A 186 11.77 -1.51 -5.02
C GLY A 186 12.72 -0.33 -4.94
N ALA A 187 12.81 0.35 -3.80
CA ALA A 187 13.57 1.59 -3.75
C ALA A 187 15.03 1.38 -4.12
N ASN A 188 15.72 0.46 -3.45
CA ASN A 188 17.13 0.25 -3.75
C ASN A 188 17.31 -0.30 -5.16
N THR A 189 16.42 -1.20 -5.59
CA THR A 189 16.49 -1.74 -6.95
C THR A 189 16.45 -0.63 -7.98
N VAL A 190 15.46 0.26 -7.90
CA VAL A 190 15.33 1.26 -8.94
C VAL A 190 16.35 2.37 -8.79
N ASN A 191 16.77 2.69 -7.56
CA ASN A 191 17.81 3.70 -7.38
C ASN A 191 19.11 3.24 -8.04
N THR A 192 19.42 1.95 -7.91
CA THR A 192 20.64 1.41 -8.52
C THR A 192 20.56 1.48 -10.04
N MET A 193 19.39 1.19 -10.62
CA MET A 193 19.25 1.29 -12.06
C MET A 193 19.39 2.73 -12.54
N ALA A 194 18.85 3.68 -11.76
CA ALA A 194 18.99 5.09 -12.12
C ALA A 194 20.46 5.50 -12.14
N GLU A 195 21.25 5.01 -11.18
CA GLU A 195 22.69 5.25 -11.21
C GLU A 195 23.33 4.61 -12.43
N SER A 196 22.88 3.40 -12.78
CA SER A 196 23.49 2.67 -13.88
CA SER A 196 23.49 2.67 -13.88
C SER A 196 23.31 3.39 -15.21
N VAL A 197 22.15 4.01 -15.44
CA VAL A 197 21.88 4.64 -16.73
C VAL A 197 22.39 6.07 -16.82
N ALA A 198 22.82 6.67 -15.72
CA ALA A 198 23.20 8.08 -15.74
C ALA A 198 24.27 8.44 -16.77
N PRO A 199 25.39 7.71 -16.88
CA PRO A 199 26.38 8.07 -17.92
C PRO A 199 25.83 8.02 -19.33
N LEU A 200 25.01 7.01 -19.65
CA LEU A 200 24.44 6.93 -20.99
C LEU A 200 23.48 8.09 -21.25
N VAL A 201 22.69 8.47 -20.24
CA VAL A 201 21.78 9.60 -20.41
C VAL A 201 22.58 10.88 -20.62
N GLU A 202 23.69 11.04 -19.91
CA GLU A 202 24.54 12.22 -20.11
C GLU A 202 25.13 12.23 -21.52
N LYS A 203 25.53 11.07 -22.04
CA LYS A 203 26.10 11.02 -23.37
C LYS A 203 25.06 11.38 -24.43
N ILE A 204 23.85 10.86 -24.31
CA ILE A 204 22.81 11.15 -25.29
C ILE A 204 22.44 12.63 -25.28
N THR A 205 22.23 13.18 -24.08
CA THR A 205 21.65 14.51 -23.95
C THR A 205 22.70 15.62 -23.92
N GLY A 206 23.96 15.28 -23.64
CA GLY A 206 24.97 16.28 -23.37
C GLY A 206 24.83 16.98 -22.04
N GLY A 207 23.87 16.56 -21.21
CA GLY A 207 23.59 17.22 -19.95
C GLY A 207 24.31 16.58 -18.78
N SER A 208 23.96 17.05 -17.58
CA SER A 208 24.56 16.61 -16.34
CA SER A 208 24.57 16.60 -16.34
C SER A 208 23.47 16.02 -15.46
N VAL A 209 23.63 14.75 -15.08
CA VAL A 209 22.63 14.10 -14.23
C VAL A 209 22.84 14.55 -12.78
N ARG A 210 21.74 14.89 -12.12
CA ARG A 210 21.77 15.27 -10.72
C ARG A 210 21.04 14.19 -9.93
N LEU A 211 19.75 14.33 -9.65
CA LEU A 211 19.06 13.34 -8.83
C LEU A 211 18.84 12.04 -9.61
N ARG A 212 19.09 10.92 -8.92
CA ARG A 212 18.81 9.57 -9.42
C ARG A 212 18.07 8.90 -8.26
N ILE A 213 16.74 8.79 -8.36
CA ILE A 213 15.96 8.48 -7.16
C ILE A 213 14.57 8.02 -7.56
N LEU A 214 14.05 7.05 -6.81
CA LEU A 214 12.68 6.59 -7.05
C LEU A 214 11.69 7.74 -6.84
N SER A 215 10.51 7.58 -7.43
CA SER A 215 9.36 8.42 -7.10
C SER A 215 8.41 7.67 -6.19
N ASN A 216 8.07 8.29 -5.07
CA ASN A 216 7.05 7.72 -4.19
C ASN A 216 5.63 7.96 -4.70
N LEU A 217 5.45 8.71 -5.78
CA LEU A 217 4.13 8.82 -6.40
C LEU A 217 4.00 7.62 -7.33
N ALA A 218 3.73 6.46 -6.72
CA ALA A 218 3.88 5.18 -7.39
C ALA A 218 2.59 4.81 -8.15
N ASP A 219 2.23 5.67 -9.08
CA ASP A 219 0.94 5.56 -9.75
C ASP A 219 0.90 4.49 -10.84
N LEU A 220 2.02 3.79 -11.07
CA LEU A 220 2.02 2.61 -11.92
C LEU A 220 1.97 1.33 -11.10
N ARG A 221 1.90 1.43 -9.79
CA ARG A 221 1.84 0.28 -8.91
C ARG A 221 0.59 0.40 -8.05
N LEU A 222 -0.56 0.16 -8.66
CA LEU A 222 -1.85 0.44 -8.03
C LEU A 222 -2.49 -0.84 -7.50
N ALA A 223 -3.12 -0.72 -6.34
CA ALA A 223 -3.99 -1.76 -5.81
C ALA A 223 -5.42 -1.25 -5.86
N ARG A 224 -6.36 -2.14 -6.13
CA ARG A 224 -7.77 -1.80 -6.24
C ARG A 224 -8.59 -2.76 -5.40
N ALA A 225 -9.61 -2.23 -4.74
CA ALA A 225 -10.51 -3.09 -3.97
C ALA A 225 -11.94 -2.56 -4.09
N ARG A 226 -12.89 -3.48 -4.13
CA ARG A 226 -14.31 -3.18 -4.29
C ARG A 226 -15.08 -4.00 -3.28
N VAL A 227 -16.18 -3.43 -2.77
CA VAL A 227 -17.09 -4.14 -1.88
C VAL A 227 -18.50 -3.72 -2.24
N ARG A 228 -19.45 -4.66 -2.09
CA ARG A 228 -20.86 -4.37 -2.30
C ARG A 228 -21.64 -4.89 -1.11
N LEU A 229 -22.57 -4.07 -0.60
CA LEU A 229 -23.41 -4.45 0.54
C LEU A 229 -24.86 -4.10 0.23
N THR A 230 -25.74 -5.09 0.31
CA THR A 230 -27.16 -4.85 0.08
C THR A 230 -27.78 -4.12 1.27
N PRO A 231 -28.96 -3.52 1.07
CA PRO A 231 -29.66 -2.92 2.22
C PRO A 231 -29.90 -3.89 3.36
N GLN A 232 -30.25 -5.14 3.08
CA GLN A 232 -30.50 -6.08 4.17
C GLN A 232 -29.24 -6.36 4.97
N THR A 233 -28.08 -6.39 4.28
CA THR A 233 -26.82 -6.59 4.99
C THR A 233 -26.53 -5.45 5.94
N LEU A 234 -26.87 -4.21 5.55
CA LEU A 234 -26.57 -3.02 6.34
C LEU A 234 -27.66 -2.68 7.35
N ALA A 235 -28.80 -3.36 7.31
CA ALA A 235 -29.87 -3.06 8.25
C ALA A 235 -29.43 -3.31 9.69
N THR A 236 -29.92 -2.47 10.61
CA THR A 236 -29.68 -2.65 12.04
C THR A 236 -31.01 -2.66 12.76
N GLN A 237 -30.97 -2.91 14.07
CA GLN A 237 -32.20 -2.85 14.86
C GLN A 237 -32.87 -1.48 14.73
N ASP A 238 -32.07 -0.41 14.75
CA ASP A 238 -32.61 0.94 14.80
C ASP A 238 -32.82 1.58 13.44
N ARG A 239 -32.13 1.12 12.39
CA ARG A 239 -32.18 1.82 11.11
C ARG A 239 -32.28 0.82 9.97
N SER A 240 -33.04 1.18 8.94
CA SER A 240 -33.07 0.38 7.73
C SER A 240 -31.72 0.46 7.02
N GLY A 241 -31.40 -0.59 6.25
CA GLY A 241 -30.20 -0.52 5.44
C GLY A 241 -30.27 0.60 4.43
N GLU A 242 -31.46 0.88 3.91
CA GLU A 242 -31.63 1.95 2.94
C GLU A 242 -31.22 3.30 3.53
N GLU A 243 -31.65 3.58 4.77
CA GLU A 243 -31.29 4.84 5.42
C GLU A 243 -29.79 4.93 5.67
N ILE A 244 -29.16 3.81 6.06
CA ILE A 244 -27.73 3.82 6.29
C ILE A 244 -26.98 4.09 4.98
N ILE A 245 -27.43 3.46 3.89
CA ILE A 245 -26.81 3.68 2.59
C ILE A 245 -26.87 5.16 2.22
N GLU A 246 -28.03 5.80 2.38
CA GLU A 246 -28.13 7.21 2.04
C GLU A 246 -27.20 8.05 2.91
N GLY A 247 -27.04 7.69 4.18
CA GLY A 247 -26.13 8.42 5.04
C GLY A 247 -24.67 8.26 4.63
N VAL A 248 -24.29 7.06 4.19
CA VAL A 248 -22.92 6.86 3.70
C VAL A 248 -22.67 7.72 2.47
N LEU A 249 -23.64 7.79 1.57
CA LEU A 249 -23.49 8.60 0.36
C LEU A 249 -23.36 10.09 0.71
N ASP A 250 -24.17 10.56 1.67
CA ASP A 250 -24.06 11.94 2.12
C ASP A 250 -22.66 12.23 2.63
N ALA A 251 -22.12 11.31 3.45
CA ALA A 251 -20.79 11.52 4.02
C ALA A 251 -19.71 11.44 2.94
N TYR A 252 -19.87 10.52 1.98
CA TYR A 252 -18.88 10.40 0.92
C TYR A 252 -18.82 11.67 0.06
N THR A 253 -19.98 12.20 -0.34
CA THR A 253 -19.98 13.38 -1.21
C THR A 253 -19.33 14.57 -0.50
N PHE A 254 -19.55 14.69 0.82
CA PHE A 254 -18.90 15.71 1.63
C PHE A 254 -17.38 15.63 1.47
N ALA A 255 -16.82 14.42 1.56
CA ALA A 255 -15.38 14.26 1.37
C ALA A 255 -14.95 14.57 -0.06
N ALA A 256 -15.79 14.22 -1.04
CA ALA A 256 -15.42 14.43 -2.43
C ALA A 256 -15.28 15.90 -2.77
N ILE A 257 -16.07 16.78 -2.12
CA ILE A 257 -16.12 18.18 -2.48
C ILE A 257 -15.35 19.11 -1.55
N ASP A 258 -14.99 18.66 -0.35
CA ASP A 258 -14.38 19.53 0.66
C ASP A 258 -13.06 18.94 1.15
N PRO A 259 -11.92 19.51 0.79
CA PRO A 259 -10.64 19.00 1.32
C PRO A 259 -10.59 18.92 2.84
N TYR A 260 -11.26 19.81 3.57
CA TYR A 260 -11.27 19.68 5.03
C TYR A 260 -11.86 18.35 5.49
N ARG A 261 -12.87 17.85 4.77
CA ARG A 261 -13.42 16.54 5.10
C ARG A 261 -12.62 15.43 4.48
N ALA A 262 -12.13 15.63 3.25
CA ALA A 262 -11.36 14.57 2.58
C ALA A 262 -10.13 14.16 3.38
N ALA A 263 -9.47 15.13 4.05
CA ALA A 263 -8.29 14.78 4.83
C ALA A 263 -8.63 13.80 5.94
N THR A 264 -9.76 14.01 6.60
CA THR A 264 -10.18 13.14 7.69
C THR A 264 -10.67 11.80 7.17
N HIS A 265 -11.44 11.85 6.09
CA HIS A 265 -11.91 10.67 5.39
C HIS A 265 -10.74 9.78 4.97
N ASN A 266 -9.72 10.36 4.34
CA ASN A 266 -8.57 9.57 3.91
C ASN A 266 -7.71 9.12 5.08
N LYS A 267 -7.61 9.96 6.13
CA LYS A 267 -6.94 9.53 7.35
C LYS A 267 -7.55 8.22 7.85
N GLY A 268 -8.88 8.11 7.82
CA GLY A 268 -9.54 6.88 8.24
C GLY A 268 -9.14 5.69 7.40
N ILE A 269 -8.96 5.89 6.09
CA ILE A 269 -8.45 4.81 5.24
C ILE A 269 -7.10 4.35 5.74
N MET A 270 -6.21 5.30 6.05
CA MET A 270 -4.86 4.96 6.46
C MET A 270 -4.80 4.36 7.86
N ASN A 271 -5.81 4.60 8.70
CA ASN A 271 -5.95 3.84 9.94
C ASN A 271 -6.03 2.34 9.66
N GLY A 272 -6.59 1.93 8.52
CA GLY A 272 -6.64 0.52 8.19
C GLY A 272 -5.38 0.05 7.51
N ILE A 273 -4.85 0.86 6.59
CA ILE A 273 -3.73 0.44 5.75
C ILE A 273 -2.43 0.44 6.54
N ASP A 274 -2.11 1.58 7.17
CA ASP A 274 -0.79 1.69 7.80
C ASP A 274 -0.48 0.60 8.81
N PRO A 275 -1.42 0.18 9.68
CA PRO A 275 -1.05 -0.85 10.67
C PRO A 275 -0.66 -2.16 10.04
N VAL A 276 -1.21 -2.49 8.86
CA VAL A 276 -0.79 -3.69 8.14
C VAL A 276 0.60 -3.52 7.57
N ILE A 277 0.87 -2.33 7.02
CA ILE A 277 2.21 -1.98 6.54
C ILE A 277 3.23 -2.11 7.65
N VAL A 278 2.93 -1.54 8.83
CA VAL A 278 3.88 -1.61 9.94
C VAL A 278 4.10 -3.06 10.37
N ALA A 279 3.01 -3.81 10.53
CA ALA A 279 3.13 -5.18 11.05
C ALA A 279 3.92 -6.08 10.12
N THR A 280 3.94 -5.77 8.82
CA THR A 280 4.71 -6.56 7.87
C THR A 280 6.11 -6.01 7.61
N GLY A 281 6.57 -5.05 8.41
CA GLY A 281 7.90 -4.51 8.24
C GLY A 281 8.08 -3.57 7.08
N ASN A 282 6.98 -3.08 6.51
CA ASN A 282 7.06 -2.20 5.36
C ASN A 282 7.14 -0.74 5.79
N ASP A 283 7.52 0.10 4.84
CA ASP A 283 7.78 1.52 5.06
C ASP A 283 6.46 2.28 4.98
N TRP A 284 5.94 2.71 6.14
CA TRP A 284 4.65 3.37 6.17
C TRP A 284 4.69 4.80 5.64
N ARG A 285 5.85 5.46 5.69
CA ARG A 285 5.94 6.80 5.09
C ARG A 285 5.75 6.73 3.58
N ALA A 286 6.31 5.69 2.95
CA ALA A 286 6.18 5.56 1.51
C ALA A 286 4.73 5.34 1.10
N VAL A 287 4.02 4.48 1.83
CA VAL A 287 2.62 4.21 1.50
C VAL A 287 1.77 5.45 1.74
N GLU A 288 2.02 6.17 2.84
CA GLU A 288 1.29 7.41 3.10
C GLU A 288 1.53 8.45 2.01
N ALA A 289 2.78 8.65 1.60
CA ALA A 289 3.07 9.67 0.60
C ALA A 289 2.41 9.34 -0.72
N GLY A 290 2.50 8.08 -1.16
CA GLY A 290 1.86 7.70 -2.41
C GLY A 290 0.35 7.88 -2.35
N ALA A 291 -0.27 7.52 -1.22
CA ALA A 291 -1.72 7.59 -1.10
C ALA A 291 -2.20 9.04 -1.15
N HIS A 292 -1.62 9.91 -0.31
CA HIS A 292 -2.12 11.27 -0.24
C HIS A 292 -1.72 12.10 -1.47
N ALA A 293 -0.57 11.81 -2.07
CA ALA A 293 -0.24 12.50 -3.33
C ALA A 293 -1.19 12.08 -4.44
N TYR A 294 -1.53 10.79 -4.51
CA TYR A 294 -2.49 10.33 -5.50
C TYR A 294 -3.86 10.97 -5.30
N ALA A 295 -4.24 11.24 -4.04
CA ALA A 295 -5.52 11.86 -3.74
C ALA A 295 -5.63 13.29 -4.28
N SER A 296 -4.51 13.90 -4.66
CA SER A 296 -4.47 15.26 -5.19
C SER A 296 -4.33 15.31 -6.70
N ARG A 297 -4.36 14.15 -7.37
CA ARG A 297 -3.98 14.09 -8.79
C ARG A 297 -4.91 14.92 -9.67
N SER A 298 -6.15 15.13 -9.24
CA SER A 298 -7.13 15.86 -10.05
C SER A 298 -7.00 17.36 -9.94
N GLY A 299 -6.10 17.87 -9.11
CA GLY A 299 -5.99 19.30 -8.87
C GLY A 299 -6.67 19.78 -7.62
N SER A 300 -7.35 18.89 -6.88
CA SER A 300 -7.89 19.20 -5.57
C SER A 300 -7.68 17.98 -4.72
N TYR A 301 -7.39 18.18 -3.44
CA TYR A 301 -7.25 17.06 -2.52
C TYR A 301 -8.63 16.47 -2.23
N THR A 302 -8.84 15.19 -2.59
CA THR A 302 -10.17 14.62 -2.51
C THR A 302 -10.10 13.19 -1.99
N SER A 303 -11.26 12.55 -1.95
CA SER A 303 -11.38 11.20 -1.42
C SER A 303 -10.65 10.17 -2.29
N LEU A 304 -9.96 9.25 -1.63
CA LEU A 304 -9.37 8.12 -2.33
C LEU A 304 -10.38 7.04 -2.67
N THR A 305 -11.47 6.96 -1.92
CA THR A 305 -12.52 6.00 -2.19
C THR A 305 -13.67 6.64 -2.95
N ARG A 306 -14.52 5.78 -3.51
CA ARG A 306 -15.78 6.17 -4.11
C ARG A 306 -16.86 5.33 -3.46
N TRP A 307 -18.00 5.95 -3.14
CA TRP A 307 -19.15 5.23 -2.61
C TRP A 307 -20.35 5.57 -3.46
N GLU A 308 -21.06 4.53 -3.90
CA GLU A 308 -22.13 4.67 -4.88
C GLU A 308 -23.25 3.71 -4.52
N LYS A 309 -24.37 3.88 -5.21
CA LYS A 309 -25.48 2.94 -5.16
C LYS A 309 -25.60 2.30 -6.53
N ASP A 310 -25.66 0.98 -6.59
CA ASP A 310 -25.86 0.35 -7.89
C ASP A 310 -27.34 0.42 -8.29
N ALA A 311 -27.62 -0.02 -9.51
CA ALA A 311 -28.96 0.13 -10.08
C ALA A 311 -30.03 -0.52 -9.21
N GLY A 312 -29.68 -1.59 -8.50
CA GLY A 312 -30.60 -2.28 -7.61
C GLY A 312 -30.65 -1.75 -6.19
N GLY A 313 -29.86 -0.73 -5.86
CA GLY A 313 -29.93 -0.10 -4.56
C GLY A 313 -28.86 -0.51 -3.56
N ALA A 314 -27.92 -1.37 -3.93
CA ALA A 314 -26.87 -1.79 -3.01
C ALA A 314 -25.75 -0.75 -2.96
N LEU A 315 -25.11 -0.67 -1.80
CA LEU A 315 -23.98 0.22 -1.61
C LEU A 315 -22.74 -0.42 -2.20
N VAL A 316 -22.01 0.33 -3.02
CA VAL A 316 -20.80 -0.15 -3.67
C VAL A 316 -19.65 0.79 -3.35
N GLY A 317 -18.60 0.26 -2.73
CA GLY A 317 -17.40 1.03 -2.42
C GLY A 317 -16.23 0.58 -3.27
N SER A 318 -15.36 1.53 -3.61
CA SER A 318 -14.20 1.21 -4.44
C SER A 318 -13.03 2.08 -4.01
N ILE A 319 -11.84 1.54 -4.16
CA ILE A 319 -10.61 2.28 -3.89
C ILE A 319 -9.57 1.88 -4.92
N GLU A 320 -8.75 2.85 -5.32
CA GLU A 320 -7.58 2.61 -6.15
C GLU A 320 -6.48 3.53 -5.65
N LEU A 321 -5.31 2.98 -5.34
CA LEU A 321 -4.25 3.82 -4.78
C LEU A 321 -2.90 3.13 -4.97
N PRO A 322 -1.81 3.91 -5.01
CA PRO A 322 -0.48 3.30 -5.09
C PRO A 322 -0.23 2.44 -3.87
N MET A 323 0.47 1.33 -4.08
CA MET A 323 0.69 0.36 -3.01
C MET A 323 2.10 -0.23 -3.13
N PRO A 324 3.11 0.58 -2.83
CA PRO A 324 4.50 0.09 -2.90
C PRO A 324 4.88 -0.66 -1.63
N VAL A 325 4.73 -1.97 -1.66
CA VAL A 325 5.03 -2.81 -0.51
C VAL A 325 5.85 -4.00 -1.01
N GLY A 326 6.54 -4.66 -0.08
CA GLY A 326 7.34 -5.81 -0.43
C GLY A 326 7.14 -6.94 0.55
N LEU A 327 7.56 -8.14 0.13
CA LEU A 327 7.64 -9.31 0.99
C LEU A 327 9.08 -9.64 1.34
N VAL A 328 10.04 -8.95 0.73
CA VAL A 328 11.45 -9.23 0.88
C VAL A 328 12.14 -7.90 1.10
N GLY A 329 13.33 -7.97 1.68
CA GLY A 329 14.11 -6.77 1.91
C GLY A 329 13.62 -5.93 3.07
N GLY A 330 14.47 -5.02 3.53
CA GLY A 330 14.13 -4.12 4.60
C GLY A 330 13.86 -4.85 5.89
N ALA A 331 12.99 -4.26 6.70
CA ALA A 331 12.61 -4.84 7.98
C ALA A 331 11.77 -6.11 7.82
N THR A 332 11.17 -6.32 6.65
CA THR A 332 10.32 -7.48 6.44
C THR A 332 11.11 -8.78 6.53
N LYS A 333 12.41 -8.72 6.24
CA LYS A 333 13.31 -9.85 6.33
C LYS A 333 13.93 -9.98 7.72
N THR A 334 14.32 -8.86 8.33
CA THR A 334 15.08 -8.88 9.57
C THR A 334 14.20 -9.06 10.80
N HIS A 335 13.01 -8.48 10.80
CA HIS A 335 12.16 -8.49 11.99
C HIS A 335 11.42 -9.82 12.08
N PRO A 336 11.67 -10.63 13.12
CA PRO A 336 11.00 -11.94 13.19
C PRO A 336 9.47 -11.85 13.22
N LEU A 337 8.90 -10.78 13.78
CA LEU A 337 7.44 -10.68 13.79
C LEU A 337 6.87 -10.21 12.46
N ALA A 338 7.64 -9.44 11.70
CA ALA A 338 7.20 -9.11 10.35
C ALA A 338 7.11 -10.37 9.49
N ARG A 339 8.12 -11.24 9.60
CA ARG A 339 8.05 -12.52 8.90
C ARG A 339 6.85 -13.33 9.37
N LEU A 340 6.56 -13.29 10.67
CA LEU A 340 5.41 -14.02 11.19
C LEU A 340 4.12 -13.44 10.64
N ALA A 341 4.05 -12.11 10.51
CA ALA A 341 2.87 -11.48 9.95
C ALA A 341 2.62 -11.96 8.52
N LEU A 342 3.68 -12.09 7.72
CA LEU A 342 3.50 -12.57 6.36
C LEU A 342 2.94 -13.99 6.36
N LYS A 343 3.40 -14.81 7.32
CA LYS A 343 2.90 -16.18 7.40
C LYS A 343 1.45 -16.21 7.84
N ILE A 344 1.07 -15.37 8.81
CA ILE A 344 -0.31 -15.30 9.24
C ILE A 344 -1.23 -14.97 8.07
N MET A 345 -0.82 -14.01 7.24
CA MET A 345 -1.61 -13.61 6.08
C MET A 345 -1.47 -14.56 4.89
N ASP A 346 -0.54 -15.52 4.95
CA ASP A 346 -0.36 -16.52 3.89
C ASP A 346 -0.13 -15.86 2.53
N LEU A 347 0.80 -14.91 2.50
CA LEU A 347 0.98 -14.06 1.32
C LEU A 347 1.78 -14.79 0.24
N GLN A 348 1.31 -14.65 -1.01
CA GLN A 348 1.95 -15.25 -2.18
C GLN A 348 2.73 -14.26 -3.01
N SER A 349 2.47 -12.96 -2.85
CA SER A 349 3.14 -11.94 -3.64
C SER A 349 2.98 -10.60 -2.93
N ALA A 350 3.84 -9.66 -3.28
CA ALA A 350 3.66 -8.30 -2.79
C ALA A 350 2.36 -7.69 -3.33
N GLN A 351 1.98 -8.04 -4.57
CA GLN A 351 0.72 -7.56 -5.12
C GLN A 351 -0.45 -7.97 -4.23
N GLN A 352 -0.45 -9.21 -3.76
CA GLN A 352 -1.54 -9.68 -2.93
C GLN A 352 -1.58 -8.93 -1.60
N LEU A 353 -0.41 -8.69 -0.99
CA LEU A 353 -0.38 -7.87 0.21
C LEU A 353 -0.98 -6.50 -0.05
N GLY A 354 -0.65 -5.89 -1.19
CA GLY A 354 -1.21 -4.59 -1.49
C GLY A 354 -2.72 -4.62 -1.69
N GLU A 355 -3.22 -5.68 -2.32
CA GLU A 355 -4.66 -5.82 -2.50
C GLU A 355 -5.37 -6.00 -1.16
N ILE A 356 -4.80 -6.81 -0.26
CA ILE A 356 -5.40 -6.99 1.05
C ILE A 356 -5.38 -5.67 1.81
N ALA A 357 -4.25 -4.95 1.78
CA ALA A 357 -4.19 -3.66 2.46
C ALA A 357 -5.23 -2.68 1.91
N ALA A 358 -5.42 -2.65 0.59
CA ALA A 358 -6.45 -1.77 0.02
C ALA A 358 -7.84 -2.15 0.52
N ALA A 359 -8.12 -3.45 0.61
CA ALA A 359 -9.40 -3.91 1.13
C ALA A 359 -9.60 -3.49 2.58
N VAL A 360 -8.55 -3.60 3.40
CA VAL A 360 -8.64 -3.16 4.79
C VAL A 360 -8.91 -1.66 4.86
N GLY A 361 -8.24 -0.87 4.02
CA GLY A 361 -8.49 0.57 4.01
C GLY A 361 -9.91 0.91 3.60
N LEU A 362 -10.43 0.19 2.60
CA LEU A 362 -11.81 0.40 2.17
C LEU A 362 -12.80 0.05 3.28
N ALA A 363 -12.57 -1.08 3.97
CA ALA A 363 -13.43 -1.46 5.09
C ALA A 363 -13.35 -0.44 6.22
N GLN A 364 -12.14 0.03 6.53
CA GLN A 364 -11.96 1.03 7.59
C GLN A 364 -12.75 2.28 7.27
N ASN A 365 -12.67 2.74 6.01
CA ASN A 365 -13.41 3.92 5.59
C ASN A 365 -14.91 3.69 5.77
N LEU A 366 -15.42 2.54 5.34
CA LEU A 366 -16.84 2.24 5.52
C LEU A 366 -17.23 2.29 6.98
N GLY A 367 -16.40 1.72 7.86
CA GLY A 367 -16.71 1.73 9.27
C GLY A 367 -16.87 3.14 9.82
N ALA A 368 -15.99 4.05 9.39
CA ALA A 368 -16.06 5.43 9.84
C ALA A 368 -17.29 6.14 9.30
N LEU A 369 -17.59 5.97 8.01
CA LEU A 369 -18.73 6.64 7.41
C LEU A 369 -20.04 6.12 7.97
N ARG A 370 -20.15 4.79 8.12
CA ARG A 370 -21.35 4.18 8.67
C ARG A 370 -21.57 4.63 10.11
N ALA A 371 -20.49 4.71 10.91
CA ALA A 371 -20.63 5.15 12.30
C ALA A 371 -21.01 6.62 12.39
N LEU A 372 -20.33 7.48 11.63
CA LEU A 372 -20.58 8.91 11.69
C LEU A 372 -21.98 9.27 11.20
N ALA A 373 -22.48 8.53 10.20
CA ALA A 373 -23.79 8.82 9.63
C ALA A 373 -24.93 8.26 10.46
N THR A 374 -24.67 7.30 11.34
CA THR A 374 -25.70 6.71 12.18
C THR A 374 -25.60 7.13 13.65
N GLU A 375 -24.74 8.10 13.95
CA GLU A 375 -24.63 8.63 15.31
C GLU A 375 -25.83 9.55 15.58
N GLY A 376 -26.58 9.25 16.61
CA GLY A 376 -27.77 10.02 16.95
C GLY A 376 -27.50 11.47 17.32
C1 GLC B . -21.76 -9.88 -8.70
C2 GLC B . -21.96 -8.91 -7.53
C3 GLC B . -20.62 -8.35 -7.10
C4 GLC B . -19.65 -9.49 -6.79
C5 GLC B . -19.56 -10.43 -7.99
C6 GLC B . -18.65 -11.61 -7.69
O2 GLC B . -22.82 -7.85 -7.93
O3 GLC B . -20.77 -7.55 -5.96
O4 GLC B . -18.39 -8.93 -6.49
O5 GLC B . -20.85 -10.90 -8.32
O6 GLC B . -18.86 -12.06 -6.37
C1 FRU B . -23.31 -8.90 -11.06
C2 FRU B . -21.92 -9.53 -11.01
C3 FRU B . -21.07 -9.10 -12.19
C4 FRU B . -20.14 -10.29 -12.38
C5 FRU B . -20.99 -11.47 -11.94
C6 FRU B . -20.20 -12.54 -11.20
O1 FRU B . -23.91 -9.18 -12.30
O2 FRU B . -21.27 -9.16 -9.80
O3 FRU B . -20.36 -7.91 -11.93
O4 FRU B . -19.73 -10.40 -13.72
O5 FRU B . -22.00 -10.94 -11.10
O6 FRU B . -18.84 -12.18 -11.11
C1 GLC C . -3.75 -13.39 -9.40
C2 GLC C . -5.05 -13.75 -8.71
C3 GLC C . -5.85 -12.45 -8.61
C4 GLC C . -5.06 -11.42 -7.80
C5 GLC C . -3.57 -11.38 -8.16
C6 GLC C . -2.78 -10.75 -7.02
O2 GLC C . -5.76 -14.70 -9.48
O3 GLC C . -7.09 -12.70 -7.99
O4 GLC C . -5.62 -10.15 -8.07
O5 GLC C . -3.02 -12.66 -8.43
O6 GLC C . -3.30 -11.18 -5.77
C1 FRU C . -4.28 -14.15 -12.27
C2 FRU C . -3.53 -12.94 -11.73
C3 FRU C . -3.65 -11.76 -12.68
C4 FRU C . -2.32 -11.06 -12.56
C5 FRU C . -1.36 -12.15 -12.10
C6 FRU C . -0.39 -11.65 -11.05
O1 FRU C . -5.66 -13.96 -12.06
O2 FRU C . -4.07 -12.55 -10.49
O3 FRU C . -4.71 -10.91 -12.27
O4 FRU C . -1.94 -10.55 -13.81
O5 FRU C . -2.14 -13.21 -11.60
O6 FRU C . -0.11 -12.70 -10.14
C8 MEV D . -10.51 8.31 13.62
O8 MEV D . -9.11 8.23 13.78
C2 MEV D . -10.76 8.28 12.11
C3 MEV D . -12.00 9.05 11.69
O7 MEV D . -11.92 10.39 12.13
C4 MEV D . -12.02 9.01 10.16
C5 MEV D . -13.21 9.74 9.55
O3 MEV D . -13.67 9.34 8.47
O4 MEV D . -13.72 10.73 10.11
C6 MEV D . -13.26 8.41 12.28
S SO4 E . 14.31 -2.79 -2.31
O1 SO4 E . 12.94 -3.16 -1.96
O2 SO4 E . 14.42 -2.62 -3.77
O3 SO4 E . 14.63 -1.53 -1.62
O4 SO4 E . 15.23 -3.85 -1.88
S SO4 F . 9.50 26.07 -24.82
O1 SO4 F . 8.82 24.89 -24.29
O2 SO4 F . 8.59 26.77 -25.73
O3 SO4 F . 9.85 26.95 -23.71
O4 SO4 F . 10.70 25.65 -25.53
S SO4 G . -27.76 -10.09 -3.91
O1 SO4 G . -28.55 -10.48 -2.74
O2 SO4 G . -27.79 -11.15 -4.91
O3 SO4 G . -28.30 -8.87 -4.48
O4 SO4 G . -26.37 -9.87 -3.50
C1 GOL H . -30.20 15.57 1.81
O1 GOL H . -31.17 15.73 2.80
C2 GOL H . -29.74 14.09 1.86
O2 GOL H . -28.88 13.78 0.82
C3 GOL H . -31.03 13.25 1.81
O3 GOL H . -31.37 12.96 3.13
#